data_2RKU
#
_entry.id   2RKU
#
_cell.length_a   66.593
_cell.length_b   66.593
_cell.length_c   154.110
_cell.angle_alpha   90.000
_cell.angle_beta   90.000
_cell.angle_gamma   120.000
#
_symmetry.space_group_name_H-M   'P 32 2 1'
#
loop_
_entity.id
_entity.type
_entity.pdbx_description
1 polymer 'Serine/threonine-protein kinase PLK1'
2 non-polymer 'ZINC ION'
3 non-polymer 4-{[(7R)-8-cyclopentyl-7-ethyl-5-methyl-6-oxo-5,6,7,8-tetrahydropteridin-2-yl]amino}-3-methoxy-N-(1-methylpiperidin-4-yl)benzamide
4 non-polymer 'L(+)-TARTARIC ACID'
5 non-polymer 'S,R MESO-TARTARIC ACID'
6 non-polymer 'D(-)-TARTARIC ACID'
7 water water
#
_entity_poly.entity_id   1
_entity_poly.type   'polypeptide(L)'
_entity_poly.pdbx_seq_one_letter_code
;AKEIPEVLVDPRSRRRYVRGRFLGKGGFAKCFEISDADTKEVFAGKIVPKSLLLKPHQREKMSMEISIHRSLAHQHVVGF
HGFFEDNDFVFVVLELCRRRSLLELHKRRKALTEPEARYYLRQIVLGCQYLHRNRVIHRDLKLGNLFLNEDLEVKIGDFG
LATKVEYDGERKKVLCGTPNYIAPEVLSKKGHSFEVDVWSIGCIMYTLLVGKPPFETSCLKETYLRIKKNEYSIPKHINP
VAASLIQKMLQTDPTARPTINELLNDEFFTSGYIPARLPITCLTIPPRFSIAPS
;
_entity_poly.pdbx_strand_id   A
#
loop_
_chem_comp.id
_chem_comp.type
_chem_comp.name
_chem_comp.formula
R78 non-polymer 4-{[(7R)-8-cyclopentyl-7-ethyl-5-methyl-6-oxo-5,6,7,8-tetrahydropteridin-2-yl]amino}-3-methoxy-N-(1-methylpiperidin-4-yl)benzamide 'C28 H39 N7 O3'
SRT non-polymer 'S,R MESO-TARTARIC ACID' 'C4 H6 O6'
TAR non-polymer 'D(-)-TARTARIC ACID' 'C4 H6 O6'
TLA non-polymer 'L(+)-TARTARIC ACID' 'C4 H6 O6'
ZN non-polymer 'ZINC ION' 'Zn 2'
#
# COMPACT_ATOMS: atom_id res chain seq x y z
N ALA A 1 9.15 29.99 12.68
CA ALA A 1 9.63 28.60 12.39
C ALA A 1 8.52 27.55 12.51
N LYS A 2 7.52 27.83 13.36
CA LYS A 2 6.38 26.92 13.68
C LYS A 2 6.76 25.52 14.14
N GLU A 3 6.38 25.21 15.37
CA GLU A 3 6.79 23.98 16.02
C GLU A 3 5.57 23.13 16.34
N ILE A 4 5.73 21.81 16.23
CA ILE A 4 4.66 20.86 16.52
C ILE A 4 4.41 20.75 18.03
N PRO A 5 3.14 20.85 18.47
CA PRO A 5 2.76 20.63 19.87
C PRO A 5 3.26 19.30 20.43
N GLU A 6 3.60 19.28 21.72
CA GLU A 6 3.99 18.06 22.41
C GLU A 6 2.77 17.26 22.85
N VAL A 7 1.70 17.97 23.15
CA VAL A 7 0.38 17.37 23.38
C VAL A 7 -0.58 17.84 22.29
N LEU A 8 -1.23 16.89 21.62
CA LEU A 8 -2.16 17.22 20.51
C LEU A 8 -3.58 17.08 21.02
N VAL A 9 -4.33 18.17 20.96
CA VAL A 9 -5.67 18.18 21.54
C VAL A 9 -6.72 18.25 20.45
N ASP A 10 -7.68 17.33 20.49
CA ASP A 10 -8.83 17.36 19.58
C ASP A 10 -10.02 18.00 20.32
N PRO A 11 -10.35 19.25 20.00
CA PRO A 11 -11.32 19.99 20.83
C PRO A 11 -12.75 19.41 20.73
N ARG A 12 -13.04 18.75 19.61
CA ARG A 12 -14.33 18.14 19.35
C ARG A 12 -14.52 16.87 20.18
N SER A 13 -13.55 15.96 20.09
CA SER A 13 -13.65 14.67 20.75
C SER A 13 -13.18 14.71 22.20
N ARG A 14 -12.47 15.78 22.57
CA ARG A 14 -11.90 15.96 23.92
C ARG A 14 -10.76 14.97 24.22
N ARG A 15 -10.19 14.40 23.16
CA ARG A 15 -9.10 13.44 23.29
C ARG A 15 -7.77 14.15 23.16
N ARG A 16 -6.81 13.76 24.00
CA ARG A 16 -5.48 14.36 23.98
C ARG A 16 -4.48 13.26 23.68
N TYR A 17 -3.47 13.59 22.89
CA TYR A 17 -2.47 12.64 22.44
C TYR A 17 -1.10 13.20 22.75
N VAL A 18 -0.31 12.43 23.49
CA VAL A 18 1.05 12.83 23.80
C VAL A 18 1.92 12.40 22.64
N ARG A 19 2.69 13.34 22.10
CA ARG A 19 3.57 13.04 20.96
C ARG A 19 4.81 12.27 21.41
N GLY A 20 5.03 11.10 20.80
CA GLY A 20 6.15 10.25 21.17
C GLY A 20 7.22 10.17 20.09
N ARG A 21 7.73 8.96 19.90
CA ARG A 21 8.85 8.67 19.03
C ARG A 21 8.63 9.05 17.55
N PHE A 22 9.62 9.71 16.97
CA PHE A 22 9.58 10.12 15.57
C PHE A 22 9.67 8.87 14.68
N LEU A 23 8.77 8.76 13.71
CA LEU A 23 8.73 7.56 12.84
C LEU A 23 9.35 7.82 11.48
N GLY A 24 9.39 9.09 11.05
CA GLY A 24 9.93 9.43 9.74
C GLY A 24 9.04 10.42 9.02
N LYS A 25 9.46 10.86 7.84
CA LYS A 25 8.60 11.68 7.01
C LYS A 25 7.80 10.78 6.08
N GLY A 26 6.55 11.18 5.81
CA GLY A 26 5.77 10.64 4.70
C GLY A 26 5.23 11.80 3.86
N GLY A 27 5.98 12.21 2.84
CA GLY A 27 5.59 13.36 2.00
C GLY A 27 5.71 14.69 2.71
N PHE A 28 4.63 15.46 2.73
CA PHE A 28 4.55 16.72 3.47
C PHE A 28 4.49 16.49 4.98
N ALA A 29 4.49 15.24 5.42
CA ALA A 29 4.13 14.94 6.79
C ALA A 29 5.34 14.52 7.59
N LYS A 30 5.38 14.95 8.85
CA LYS A 30 6.25 14.35 9.84
C LYS A 30 5.39 13.40 10.66
N CYS A 31 5.86 12.17 10.87
CA CYS A 31 5.04 11.17 11.56
C CYS A 31 5.63 10.74 12.91
N PHE A 32 4.75 10.45 13.87
CA PHE A 32 5.16 10.15 15.25
C PHE A 32 4.27 9.08 15.85
N GLU A 33 4.84 8.28 16.76
CA GLU A 33 4.02 7.51 17.68
C GLU A 33 3.26 8.55 18.51
N ILE A 34 1.94 8.38 18.67
CA ILE A 34 1.18 9.25 19.58
C ILE A 34 0.31 8.41 20.49
N SER A 35 0.21 8.79 21.76
CA SER A 35 -0.56 7.96 22.69
C SER A 35 -1.67 8.76 23.34
N ASP A 36 -2.87 8.19 23.37
CA ASP A 36 -4.04 8.80 24.00
C ASP A 36 -3.75 8.89 25.50
N ALA A 37 -3.89 10.08 26.08
CA ALA A 37 -3.52 10.30 27.50
C ALA A 37 -4.46 9.59 28.48
N ASP A 38 -5.65 9.25 28.00
CA ASP A 38 -6.66 8.58 28.83
C ASP A 38 -6.56 7.05 28.72
N THR A 39 -6.58 6.52 27.49
CA THR A 39 -6.57 5.07 27.27
C THR A 39 -5.16 4.50 27.12
N LYS A 40 -4.17 5.37 26.91
CA LYS A 40 -2.77 4.97 26.75
C LYS A 40 -2.49 4.23 25.44
N GLU A 41 -3.52 4.10 24.62
CA GLU A 41 -3.37 3.50 23.30
C GLU A 41 -2.41 4.27 22.40
N VAL A 42 -1.63 3.53 21.61
CA VAL A 42 -0.65 4.14 20.72
C VAL A 42 -1.10 4.05 19.26
N PHE A 43 -0.94 5.17 18.57
CA PHE A 43 -1.32 5.30 17.19
C PHE A 43 -0.10 5.86 16.44
N ALA A 44 -0.23 5.95 15.14
CA ALA A 44 0.78 6.59 14.32
C ALA A 44 0.14 7.91 13.95
N GLY A 45 0.75 9.01 14.37
CA GLY A 45 0.22 10.34 14.02
C GLY A 45 0.90 10.84 12.76
N LYS A 46 0.11 11.31 11.80
CA LYS A 46 0.65 11.95 10.63
C LYS A 46 0.33 13.45 10.76
N ILE A 47 1.39 14.28 10.77
CA ILE A 47 1.26 15.70 11.09
C ILE A 47 1.69 16.57 9.90
N VAL A 48 0.74 17.33 9.35
CA VAL A 48 1.01 18.09 8.11
C VAL A 48 0.93 19.57 8.40
N PRO A 49 2.02 20.30 8.13
CA PRO A 49 1.93 21.72 8.42
C PRO A 49 1.13 22.42 7.33
N LYS A 50 0.24 23.28 7.78
CA LYS A 50 -0.60 24.06 6.86
C LYS A 50 0.19 25.02 6.02
N SER A 51 1.42 25.32 6.45
CA SER A 51 2.33 26.19 5.71
C SER A 51 2.75 25.53 4.40
N LEU A 52 2.61 24.22 4.34
CA LEU A 52 2.82 23.47 3.09
C LEU A 52 1.51 23.21 2.34
N LEU A 53 0.39 23.78 2.81
CA LEU A 53 -0.93 23.58 2.19
C LEU A 53 -1.56 24.92 1.79
N LEU A 54 -0.73 25.80 1.24
CA LEU A 54 -1.14 27.16 0.88
C LEU A 54 -2.04 27.20 -0.37
N LYS A 55 -1.93 26.19 -1.23
CA LYS A 55 -2.67 26.17 -2.49
C LYS A 55 -3.99 25.40 -2.33
N PRO A 56 -5.12 25.99 -2.75
CA PRO A 56 -6.36 25.22 -2.65
C PRO A 56 -6.27 23.77 -3.18
N HIS A 57 -5.55 23.55 -4.28
CA HIS A 57 -5.37 22.22 -4.87
C HIS A 57 -4.72 21.27 -3.85
N GLN A 58 -3.73 21.75 -3.08
CA GLN A 58 -3.14 20.89 -2.03
C GLN A 58 -4.13 20.53 -0.94
N ARG A 59 -4.91 21.52 -0.50
CA ARG A 59 -5.89 21.26 0.54
C ARG A 59 -6.96 20.27 0.08
N GLU A 60 -7.36 20.39 -1.18
CA GLU A 60 -8.36 19.50 -1.75
C GLU A 60 -7.84 18.06 -1.83
N LYS A 61 -6.55 17.89 -2.17
CA LYS A 61 -5.92 16.56 -2.17
C LYS A 61 -5.84 15.95 -0.76
N MET A 62 -5.46 16.77 0.21
CA MET A 62 -5.41 16.34 1.60
C MET A 62 -6.82 15.99 2.12
N SER A 63 -7.80 16.82 1.78
N SER A 63 -7.81 16.82 1.78
CA SER A 63 -9.20 16.60 2.14
CA SER A 63 -9.21 16.58 2.17
C SER A 63 -9.73 15.27 1.60
C SER A 63 -9.76 15.27 1.60
N MET A 64 -9.50 15.02 0.32
CA MET A 64 -9.94 13.78 -0.32
C MET A 64 -9.29 12.52 0.28
N GLU A 65 -7.99 12.55 0.58
CA GLU A 65 -7.34 11.45 1.29
C GLU A 65 -8.10 11.11 2.58
N ILE A 66 -8.31 12.13 3.41
CA ILE A 66 -9.06 11.96 4.65
C ILE A 66 -10.48 11.45 4.40
N SER A 67 -11.21 12.07 3.48
CA SER A 67 -12.55 11.65 3.11
C SER A 67 -12.63 10.16 2.68
N ILE A 68 -11.68 9.71 1.89
CA ILE A 68 -11.70 8.30 1.46
C ILE A 68 -11.30 7.39 2.61
N HIS A 69 -10.18 7.69 3.28
CA HIS A 69 -9.65 6.76 4.27
C HIS A 69 -10.60 6.65 5.48
N ARG A 70 -11.21 7.77 5.86
CA ARG A 70 -12.11 7.72 7.03
C ARG A 70 -13.34 6.84 6.78
N SER A 71 -13.69 6.63 5.51
CA SER A 71 -14.87 5.83 5.14
C SER A 71 -14.62 4.32 5.13
N LEU A 72 -13.39 3.88 5.44
CA LEU A 72 -13.02 2.48 5.21
C LEU A 72 -12.75 1.80 6.53
N ALA A 73 -13.09 0.52 6.63
CA ALA A 73 -12.78 -0.30 7.81
C ALA A 73 -12.67 -1.75 7.42
N HIS A 74 -11.47 -2.31 7.53
CA HIS A 74 -11.24 -3.67 7.04
C HIS A 74 -9.96 -4.20 7.62
N GLN A 75 -9.94 -5.50 7.89
CA GLN A 75 -8.80 -6.16 8.51
C GLN A 75 -7.48 -5.84 7.79
N HIS A 76 -7.54 -5.70 6.47
CA HIS A 76 -6.32 -5.45 5.69
C HIS A 76 -6.17 -4.04 5.15
N VAL A 77 -6.80 -3.08 5.83
CA VAL A 77 -6.66 -1.67 5.49
C VAL A 77 -6.25 -0.97 6.78
N VAL A 78 -5.30 -0.05 6.67
CA VAL A 78 -4.83 0.69 7.83
C VAL A 78 -6.05 1.35 8.54
N GLY A 79 -6.16 1.15 9.86
CA GLY A 79 -7.25 1.76 10.62
C GLY A 79 -7.16 3.27 10.68
N PHE A 80 -8.26 3.94 10.39
CA PHE A 80 -8.35 5.39 10.48
C PHE A 80 -9.01 5.71 11.84
N HIS A 81 -8.32 6.43 12.71
CA HIS A 81 -8.88 6.67 14.05
C HIS A 81 -9.21 8.14 14.35
N GLY A 82 -9.01 9.03 13.38
CA GLY A 82 -9.44 10.42 13.57
C GLY A 82 -8.58 11.42 12.84
N PHE A 83 -9.07 12.64 12.76
CA PHE A 83 -8.25 13.73 12.27
C PHE A 83 -8.76 15.02 12.90
N PHE A 84 -7.90 16.00 13.02
CA PHE A 84 -8.30 17.26 13.59
C PHE A 84 -7.22 18.25 13.22
N GLU A 85 -7.46 19.52 13.50
CA GLU A 85 -6.52 20.52 13.05
C GLU A 85 -6.44 21.68 14.04
N ASP A 86 -5.35 22.43 13.96
CA ASP A 86 -5.33 23.74 14.57
C ASP A 86 -5.01 24.76 13.47
N ASN A 87 -4.57 25.96 13.82
CA ASN A 87 -4.35 26.96 12.79
C ASN A 87 -3.06 26.70 12.02
N ASP A 88 -2.18 25.88 12.60
CA ASP A 88 -0.88 25.56 11.99
C ASP A 88 -0.68 24.12 11.41
N PHE A 89 -1.44 23.13 11.90
CA PHE A 89 -1.26 21.72 11.46
C PHE A 89 -2.56 20.96 11.21
N VAL A 90 -2.49 19.95 10.34
CA VAL A 90 -3.52 18.92 10.24
C VAL A 90 -2.94 17.69 10.95
N PHE A 91 -3.73 17.08 11.82
CA PHE A 91 -3.32 15.88 12.55
C PHE A 91 -4.21 14.73 12.12
N VAL A 92 -3.60 13.66 11.62
CA VAL A 92 -4.33 12.44 11.25
C VAL A 92 -3.89 11.26 12.13
N VAL A 93 -4.86 10.56 12.69
CA VAL A 93 -4.59 9.49 13.66
C VAL A 93 -4.84 8.13 13.01
N LEU A 94 -3.77 7.37 12.88
CA LEU A 94 -3.86 6.09 12.17
C LEU A 94 -3.40 4.91 12.98
N GLU A 95 -3.80 3.71 12.58
CA GLU A 95 -3.36 2.45 13.19
C GLU A 95 -1.83 2.39 13.19
N LEU A 96 -1.19 2.21 14.34
CA LEU A 96 0.26 2.04 14.35
C LEU A 96 0.58 0.61 13.89
N CYS A 97 1.49 0.49 12.92
CA CYS A 97 1.86 -0.82 12.36
C CYS A 97 3.31 -1.07 12.73
N ARG A 98 3.50 -1.86 13.77
CA ARG A 98 4.78 -1.88 14.46
C ARG A 98 5.89 -2.60 13.69
N ARG A 99 5.55 -3.32 12.62
CA ARG A 99 6.61 -3.96 11.82
C ARG A 99 6.87 -3.24 10.50
N ARG A 100 6.53 -1.94 10.48
CA ARG A 100 6.75 -1.07 9.33
C ARG A 100 6.01 -1.57 8.10
N SER A 101 6.70 -1.76 6.97
CA SER A 101 6.08 -2.13 5.70
C SER A 101 6.83 -3.25 5.00
N LEU A 102 6.25 -3.73 3.90
CA LEU A 102 6.88 -4.74 3.08
C LEU A 102 8.14 -4.22 2.39
N LEU A 103 8.28 -2.90 2.30
CA LEU A 103 9.50 -2.30 1.72
C LEU A 103 10.71 -2.67 2.58
N GLU A 104 10.59 -2.52 3.89
CA GLU A 104 11.69 -2.88 4.79
C GLU A 104 11.92 -4.38 4.83
N LEU A 105 10.85 -5.15 4.71
CA LEU A 105 11.01 -6.60 4.59
C LEU A 105 11.80 -6.93 3.32
N HIS A 106 11.38 -6.37 2.21
CA HIS A 106 12.01 -6.62 0.91
C HIS A 106 13.50 -6.22 0.91
N LYS A 107 13.85 -5.10 1.53
CA LYS A 107 15.26 -4.65 1.60
C LYS A 107 16.13 -5.66 2.38
N ARG A 108 15.54 -6.27 3.40
CA ARG A 108 16.20 -7.31 4.19
C ARG A 108 16.21 -8.70 3.55
N ARG A 109 15.10 -9.12 2.94
CA ARG A 109 14.96 -10.52 2.54
C ARG A 109 15.15 -10.72 1.05
N LYS A 110 14.95 -9.66 0.27
CA LYS A 110 14.89 -9.72 -1.19
C LYS A 110 13.83 -10.74 -1.60
N ALA A 111 14.09 -11.62 -2.57
CA ALA A 111 13.06 -12.57 -3.00
C ALA A 111 12.59 -13.42 -1.82
N LEU A 112 11.28 -13.56 -1.69
CA LEU A 112 10.72 -14.32 -0.58
C LEU A 112 10.48 -15.74 -1.06
N THR A 113 10.24 -16.66 -0.13
CA THR A 113 9.78 -17.99 -0.55
C THR A 113 8.37 -17.89 -1.11
N GLU A 114 7.97 -18.89 -1.90
CA GLU A 114 6.68 -18.86 -2.53
C GLU A 114 5.50 -18.83 -1.53
N PRO A 115 5.55 -19.63 -0.45
CA PRO A 115 4.45 -19.58 0.55
C PRO A 115 4.33 -18.23 1.26
N GLU A 116 5.46 -17.59 1.57
CA GLU A 116 5.43 -16.20 2.07
C GLU A 116 4.77 -15.26 1.07
N ALA A 117 5.13 -15.38 -0.21
CA ALA A 117 4.51 -14.53 -1.22
C ALA A 117 2.99 -14.79 -1.31
N ARG A 118 2.56 -16.04 -1.28
CA ARG A 118 1.11 -16.35 -1.28
C ARG A 118 0.42 -15.73 -0.09
N TYR A 119 1.05 -15.87 1.08
CA TYR A 119 0.55 -15.33 2.35
C TYR A 119 0.28 -13.83 2.29
N TYR A 120 1.29 -13.07 1.86
CA TYR A 120 1.16 -11.62 1.80
C TYR A 120 0.27 -11.21 0.65
N LEU A 121 0.44 -11.82 -0.50
CA LEU A 121 -0.36 -11.43 -1.65
C LEU A 121 -1.83 -11.68 -1.34
N ARG A 122 -2.13 -12.75 -0.57
CA ARG A 122 -3.57 -13.06 -0.26
C ARG A 122 -4.22 -11.91 0.50
N GLN A 123 -3.50 -11.40 1.47
CA GLN A 123 -3.96 -10.30 2.30
C GLN A 123 -4.01 -8.97 1.55
N ILE A 124 -3.02 -8.69 0.71
CA ILE A 124 -3.11 -7.53 -0.20
C ILE A 124 -4.37 -7.61 -1.06
N VAL A 125 -4.62 -8.79 -1.61
CA VAL A 125 -5.80 -9.00 -2.47
C VAL A 125 -7.10 -8.84 -1.71
N LEU A 126 -7.22 -9.42 -0.52
CA LEU A 126 -8.43 -9.23 0.31
C LEU A 126 -8.72 -7.75 0.64
N GLY A 127 -7.68 -7.00 1.02
CA GLY A 127 -7.81 -5.56 1.23
C GLY A 127 -8.22 -4.80 -0.03
N CYS A 128 -7.57 -5.11 -1.15
CA CYS A 128 -7.97 -4.49 -2.41
C CYS A 128 -9.38 -4.89 -2.85
N GLN A 129 -9.78 -6.14 -2.60
CA GLN A 129 -11.13 -6.58 -2.93
C GLN A 129 -12.14 -5.69 -2.22
N TYR A 130 -11.88 -5.44 -0.94
CA TYR A 130 -12.68 -4.53 -0.13
C TYR A 130 -12.71 -3.11 -0.71
N LEU A 131 -11.56 -2.61 -1.16
CA LEU A 131 -11.48 -1.24 -1.71
C LEU A 131 -12.37 -1.18 -2.94
N HIS A 132 -12.21 -2.15 -3.84
CA HIS A 132 -12.93 -2.10 -5.13
C HIS A 132 -14.40 -2.29 -4.99
N ARG A 133 -14.77 -3.15 -4.06
CA ARG A 133 -16.18 -3.28 -3.80
C ARG A 133 -16.79 -2.02 -3.16
N ASN A 134 -15.96 -1.15 -2.61
CA ASN A 134 -16.46 0.13 -2.11
C ASN A 134 -16.11 1.26 -3.08
N ARG A 135 -15.83 0.87 -4.32
CA ARG A 135 -15.58 1.77 -5.44
C ARG A 135 -14.40 2.71 -5.24
N VAL A 136 -13.39 2.23 -4.51
CA VAL A 136 -12.17 3.01 -4.30
C VAL A 136 -11.06 2.37 -5.09
N ILE A 137 -10.33 3.18 -5.87
CA ILE A 137 -9.12 2.75 -6.54
C ILE A 137 -7.97 3.37 -5.77
N HIS A 138 -7.05 2.54 -5.31
CA HIS A 138 -6.00 3.06 -4.44
C HIS A 138 -4.97 3.87 -5.27
N ARG A 139 -4.53 3.27 -6.38
CA ARG A 139 -3.63 3.92 -7.37
C ARG A 139 -2.15 4.04 -6.97
N ASP A 140 -1.80 3.62 -5.77
CA ASP A 140 -0.39 3.76 -5.31
C ASP A 140 0.02 2.52 -4.50
N LEU A 141 -0.45 1.34 -4.92
CA LEU A 141 -0.13 0.14 -4.16
C LEU A 141 1.33 -0.19 -4.43
N LYS A 142 2.12 -0.22 -3.36
CA LYS A 142 3.57 -0.43 -3.45
C LYS A 142 4.06 -0.97 -2.15
N LEU A 143 5.27 -1.52 -2.15
CA LEU A 143 5.76 -2.16 -0.92
C LEU A 143 5.69 -1.23 0.29
N GLY A 144 6.01 0.05 0.08
CA GLY A 144 6.07 1.07 1.15
C GLY A 144 4.75 1.46 1.79
N ASN A 145 3.62 1.21 1.15
N ASN A 145 3.66 1.12 1.07
CA ASN A 145 2.37 1.51 1.86
CA ASN A 145 2.25 1.40 1.43
C ASN A 145 1.55 0.25 2.15
C ASN A 145 1.49 0.17 1.87
N LEU A 146 2.23 -0.90 2.09
CA LEU A 146 1.65 -2.16 2.55
C LEU A 146 2.27 -2.40 3.90
N PHE A 147 1.60 -1.91 4.94
CA PHE A 147 2.17 -1.92 6.30
C PHE A 147 1.96 -3.28 7.01
N LEU A 148 2.77 -3.55 8.02
CA LEU A 148 2.66 -4.80 8.77
C LEU A 148 2.47 -4.54 10.24
N ASN A 149 1.43 -5.15 10.84
CA ASN A 149 1.29 -5.08 12.27
C ASN A 149 2.18 -6.11 12.96
N GLU A 150 2.09 -6.19 14.28
CA GLU A 150 2.91 -7.10 15.09
C GLU A 150 2.81 -8.56 14.64
N ASP A 151 1.64 -8.95 14.15
CA ASP A 151 1.35 -10.32 13.75
C ASP A 151 1.70 -10.58 12.27
N LEU A 152 2.44 -9.65 11.65
CA LEU A 152 2.74 -9.65 10.20
C LEU A 152 1.49 -9.74 9.35
N GLU A 153 0.43 -9.07 9.79
CA GLU A 153 -0.74 -8.87 8.96
C GLU A 153 -0.63 -7.58 8.13
N VAL A 154 -1.00 -7.68 6.85
CA VAL A 154 -0.89 -6.56 5.93
C VAL A 154 -2.01 -5.58 6.14
N LYS A 155 -1.64 -4.30 6.16
CA LYS A 155 -2.55 -3.17 6.24
C LYS A 155 -2.20 -2.19 5.08
N ILE A 156 -3.09 -2.11 4.10
CA ILE A 156 -2.96 -1.16 3.00
C ILE A 156 -3.15 0.23 3.57
N GLY A 157 -2.21 1.11 3.28
CA GLY A 157 -2.27 2.48 3.78
C GLY A 157 -1.97 3.48 2.70
N ASP A 158 -1.80 4.73 3.12
CA ASP A 158 -1.48 5.88 2.25
C ASP A 158 -2.48 6.05 1.09
N PHE A 159 -3.62 6.63 1.42
CA PHE A 159 -4.66 6.90 0.44
C PHE A 159 -4.48 8.26 -0.29
N GLY A 160 -3.24 8.71 -0.35
CA GLY A 160 -2.93 10.01 -0.94
C GLY A 160 -3.24 10.14 -2.42
N LEU A 161 -3.24 9.03 -3.15
CA LEU A 161 -3.54 9.07 -4.60
C LEU A 161 -4.86 8.39 -4.95
N ALA A 162 -5.59 7.93 -3.93
CA ALA A 162 -6.82 7.18 -4.17
C ALA A 162 -7.92 8.06 -4.69
N THR A 163 -8.89 7.43 -5.36
CA THR A 163 -10.03 8.11 -5.93
C THR A 163 -11.26 7.22 -5.84
N LYS A 164 -12.42 7.84 -5.81
CA LYS A 164 -13.69 7.15 -5.79
C LYS A 164 -14.33 7.18 -7.18
N VAL A 165 -14.73 6.01 -7.66
CA VAL A 165 -15.46 5.84 -8.90
C VAL A 165 -16.92 6.22 -8.62
N GLU A 166 -17.38 7.30 -9.26
CA GLU A 166 -18.65 7.91 -8.89
C GLU A 166 -19.84 7.37 -9.70
N TYR A 167 -19.53 6.68 -10.80
CA TYR A 167 -20.54 6.15 -11.70
C TYR A 167 -19.94 5.04 -12.54
N ASP A 168 -20.79 4.11 -12.94
CA ASP A 168 -20.43 2.94 -13.75
C ASP A 168 -19.78 3.27 -15.09
N GLY A 169 -18.56 2.78 -15.25
CA GLY A 169 -17.83 2.94 -16.49
C GLY A 169 -16.99 4.20 -16.52
N GLU A 170 -16.95 4.92 -15.39
CA GLU A 170 -16.17 6.17 -15.32
C GLU A 170 -14.73 5.83 -15.58
N ARG A 171 -14.08 6.59 -16.45
CA ARG A 171 -12.63 6.47 -16.63
C ARG A 171 -11.99 7.73 -16.06
N LYS A 172 -11.10 7.58 -15.09
CA LYS A 172 -10.33 8.70 -14.57
C LYS A 172 -9.29 9.13 -15.61
N LYS A 173 -9.17 10.44 -15.87
CA LYS A 173 -8.27 10.96 -16.91
C LYS A 173 -6.99 11.56 -16.34
N VAL A 174 -6.99 11.81 -15.03
CA VAL A 174 -5.94 12.53 -14.34
C VAL A 174 -5.51 11.76 -13.11
N LEU A 175 -4.19 11.70 -12.88
CA LEU A 175 -3.60 11.21 -11.64
C LEU A 175 -2.51 12.18 -11.24
N CYS A 176 -2.81 13.02 -10.25
CA CYS A 176 -1.85 14.01 -9.83
C CYS A 176 -0.97 13.44 -8.73
N GLY A 177 0.14 12.86 -9.17
CA GLY A 177 1.11 12.24 -8.33
C GLY A 177 1.96 11.33 -9.18
N THR A 178 2.95 10.70 -8.53
CA THR A 178 3.88 9.78 -9.15
C THR A 178 3.85 8.44 -8.40
N PRO A 179 2.95 7.53 -8.82
CA PRO A 179 2.94 6.21 -8.17
C PRO A 179 4.18 5.43 -8.58
N ASN A 180 4.52 4.40 -7.79
CA ASN A 180 5.69 3.56 -8.04
C ASN A 180 5.40 2.63 -9.23
N TYR A 181 4.43 1.75 -9.01
CA TYR A 181 4.06 0.71 -9.96
C TYR A 181 2.93 1.18 -10.89
N ILE A 182 3.26 2.16 -11.74
CA ILE A 182 2.26 2.86 -12.57
C ILE A 182 1.82 2.05 -13.81
N ALA A 183 0.51 1.81 -13.90
CA ALA A 183 -0.11 1.08 -15.02
C ALA A 183 0.06 1.81 -16.35
N PRO A 184 0.20 1.05 -17.47
CA PRO A 184 0.47 1.74 -18.76
C PRO A 184 -0.63 2.71 -19.20
N GLU A 185 -1.88 2.44 -18.81
CA GLU A 185 -3.01 3.27 -19.26
C GLU A 185 -3.03 4.63 -18.56
N VAL A 186 -2.42 4.69 -17.38
CA VAL A 186 -2.21 5.97 -16.70
C VAL A 186 -1.18 6.78 -17.50
N LEU A 187 -0.04 6.13 -17.79
CA LEU A 187 1.10 6.76 -18.47
C LEU A 187 0.74 7.31 -19.82
N SER A 188 -0.11 6.59 -20.53
CA SER A 188 -0.47 6.96 -21.89
C SER A 188 -1.60 7.98 -21.87
N LYS A 189 -2.13 8.26 -20.67
CA LYS A 189 -3.19 9.26 -20.48
C LYS A 189 -4.39 8.94 -21.38
N LYS A 190 -4.88 7.70 -21.26
CA LYS A 190 -6.00 7.22 -22.08
C LYS A 190 -7.29 6.93 -21.27
N GLY A 191 -7.24 7.20 -19.97
CA GLY A 191 -8.35 6.89 -19.06
C GLY A 191 -8.12 5.57 -18.34
N HIS A 192 -8.29 5.56 -17.03
CA HIS A 192 -8.02 4.37 -16.23
C HIS A 192 -9.07 4.15 -15.15
N SER A 193 -9.10 2.94 -14.60
CA SER A 193 -10.06 2.59 -13.54
C SER A 193 -9.44 1.52 -12.63
N PHE A 194 -10.28 0.64 -12.06
CA PHE A 194 -9.84 -0.37 -11.10
C PHE A 194 -8.67 -1.25 -11.51
N GLU A 195 -8.51 -1.47 -12.81
CA GLU A 195 -7.51 -2.42 -13.31
C GLU A 195 -6.12 -1.94 -13.00
N VAL A 196 -5.92 -0.66 -12.75
CA VAL A 196 -4.56 -0.20 -12.39
C VAL A 196 -4.04 -0.82 -11.09
N ASP A 197 -4.95 -1.20 -10.21
CA ASP A 197 -4.57 -1.74 -8.91
C ASP A 197 -4.14 -3.20 -9.08
N VAL A 198 -4.71 -3.84 -10.07
CA VAL A 198 -4.36 -5.23 -10.42
C VAL A 198 -2.99 -5.22 -11.13
N TRP A 199 -2.73 -4.22 -11.97
CA TRP A 199 -1.38 -4.04 -12.52
C TRP A 199 -0.37 -3.95 -11.38
N SER A 200 -0.61 -3.08 -10.41
CA SER A 200 0.32 -2.87 -9.31
C SER A 200 0.56 -4.15 -8.49
N ILE A 201 -0.49 -4.84 -8.11
CA ILE A 201 -0.34 -6.17 -7.47
C ILE A 201 0.51 -7.14 -8.33
N GLY A 202 0.27 -7.13 -9.65
CA GLY A 202 1.18 -7.83 -10.58
C GLY A 202 2.63 -7.49 -10.29
N CYS A 203 2.92 -6.20 -10.08
CA CYS A 203 4.30 -5.75 -9.98
C CYS A 203 4.82 -6.16 -8.62
N ILE A 204 3.97 -6.04 -7.60
CA ILE A 204 4.30 -6.49 -6.25
C ILE A 204 4.62 -8.00 -6.19
N MET A 205 3.76 -8.84 -6.78
CA MET A 205 4.06 -10.27 -6.94
C MET A 205 5.43 -10.57 -7.60
N TYR A 206 5.73 -9.91 -8.72
CA TYR A 206 7.03 -10.04 -9.37
C TYR A 206 8.10 -9.66 -8.37
N THR A 207 7.96 -8.51 -7.72
CA THR A 207 8.98 -8.02 -6.80
C THR A 207 9.16 -8.98 -5.64
N LEU A 208 8.06 -9.47 -5.11
CA LEU A 208 8.14 -10.42 -4.00
C LEU A 208 8.83 -11.72 -4.36
N LEU A 209 8.62 -12.21 -5.59
CA LEU A 209 9.20 -13.52 -5.97
C LEU A 209 10.55 -13.45 -6.65
N VAL A 210 10.82 -12.33 -7.32
CA VAL A 210 12.06 -12.15 -8.06
C VAL A 210 13.13 -11.40 -7.25
N GLY A 211 12.72 -10.49 -6.38
CA GLY A 211 13.70 -9.73 -5.59
C GLY A 211 14.01 -8.34 -6.15
N LYS A 212 13.40 -8.01 -7.27
CA LYS A 212 13.52 -6.68 -7.87
C LYS A 212 12.25 -6.43 -8.67
N PRO A 213 11.90 -5.15 -8.89
CA PRO A 213 10.71 -4.77 -9.64
C PRO A 213 10.90 -5.10 -11.11
N PRO A 214 9.79 -5.37 -11.85
CA PRO A 214 9.86 -5.80 -13.24
C PRO A 214 10.42 -4.79 -14.24
N PHE A 215 10.18 -3.50 -14.02
CA PHE A 215 10.59 -2.51 -15.07
C PHE A 215 11.70 -1.53 -14.67
N GLU A 216 12.47 -1.88 -13.67
CA GLU A 216 13.50 -1.00 -13.16
C GLU A 216 14.54 -0.64 -14.20
N THR A 217 14.90 0.65 -14.26
CA THR A 217 16.05 1.16 -15.01
C THR A 217 16.69 2.29 -14.16
N SER A 218 17.72 2.93 -14.70
N SER A 218 17.75 2.92 -14.68
CA SER A 218 18.37 4.05 -14.02
CA SER A 218 18.36 4.07 -13.99
C SER A 218 17.68 5.41 -14.29
C SER A 218 17.48 5.34 -14.06
N CYS A 219 16.58 5.39 -15.03
CA CYS A 219 15.81 6.62 -15.31
C CYS A 219 14.35 6.29 -15.34
N LEU A 220 13.59 7.02 -14.52
CA LEU A 220 12.14 6.89 -14.42
C LEU A 220 11.44 6.95 -15.78
N LYS A 221 11.90 7.86 -16.64
CA LYS A 221 11.32 8.00 -17.97
C LYS A 221 11.60 6.79 -18.86
N GLU A 222 12.75 6.16 -18.69
CA GLU A 222 13.05 4.91 -19.42
C GLU A 222 12.18 3.79 -18.87
N THR A 223 11.89 3.83 -17.57
CA THR A 223 11.00 2.85 -16.94
C THR A 223 9.60 2.95 -17.55
N TYR A 224 9.11 4.19 -17.69
CA TYR A 224 7.81 4.44 -18.29
C TYR A 224 7.75 3.92 -19.72
N LEU A 225 8.83 4.12 -20.45
CA LEU A 225 8.91 3.60 -21.80
C LEU A 225 8.76 2.11 -21.81
N ARG A 226 9.52 1.44 -20.93
CA ARG A 226 9.43 0.00 -20.84
C ARG A 226 8.03 -0.49 -20.51
N ILE A 227 7.38 0.15 -19.54
CA ILE A 227 6.01 -0.19 -19.12
C ILE A 227 5.04 -0.09 -20.29
N LYS A 228 5.11 1.03 -21.01
CA LYS A 228 4.26 1.24 -22.17
C LYS A 228 4.51 0.17 -23.21
N LYS A 229 5.75 -0.28 -23.35
CA LYS A 229 6.13 -1.27 -24.35
C LYS A 229 6.01 -2.69 -23.79
N ASN A 230 5.56 -2.80 -22.55
CA ASN A 230 5.52 -4.06 -21.80
C ASN A 230 6.85 -4.83 -21.78
N GLU A 231 7.95 -4.11 -21.68
CA GLU A 231 9.28 -4.73 -21.72
C GLU A 231 9.79 -5.20 -20.35
N TYR A 232 9.46 -6.44 -20.00
CA TYR A 232 9.96 -7.11 -18.80
C TYR A 232 10.14 -8.58 -19.16
N SER A 233 10.91 -9.30 -18.35
CA SER A 233 10.97 -10.76 -18.47
C SER A 233 11.01 -11.39 -17.08
N ILE A 234 10.48 -12.61 -17.00
CA ILE A 234 10.38 -13.33 -15.75
C ILE A 234 11.52 -14.34 -15.79
N PRO A 235 12.36 -14.37 -14.74
CA PRO A 235 13.46 -15.33 -14.65
C PRO A 235 13.00 -16.79 -14.71
N LYS A 236 13.82 -17.68 -15.28
CA LYS A 236 13.40 -19.06 -15.55
C LYS A 236 13.12 -19.89 -14.30
N HIS A 237 13.66 -19.46 -13.16
CA HIS A 237 13.49 -20.19 -11.91
C HIS A 237 12.13 -19.94 -11.24
N ILE A 238 11.43 -18.90 -11.67
CA ILE A 238 10.05 -18.68 -11.22
C ILE A 238 9.18 -19.81 -11.77
N ASN A 239 8.33 -20.34 -10.90
CA ASN A 239 7.51 -21.48 -11.27
C ASN A 239 6.44 -21.06 -12.29
N PRO A 240 6.14 -21.93 -13.27
CA PRO A 240 5.20 -21.60 -14.36
C PRO A 240 3.86 -21.07 -13.87
N VAL A 241 3.31 -21.63 -12.80
CA VAL A 241 2.04 -21.19 -12.23
C VAL A 241 2.09 -19.74 -11.76
N ALA A 242 3.15 -19.39 -11.02
CA ALA A 242 3.38 -18.01 -10.57
C ALA A 242 3.57 -17.10 -11.79
N ALA A 243 4.48 -17.50 -12.68
CA ALA A 243 4.84 -16.72 -13.87
C ALA A 243 3.59 -16.46 -14.71
N SER A 244 2.72 -17.44 -14.80
CA SER A 244 1.47 -17.30 -15.51
C SER A 244 0.61 -16.19 -14.93
N LEU A 245 0.44 -16.18 -13.60
CA LEU A 245 -0.35 -15.17 -12.93
C LEU A 245 0.26 -13.78 -13.08
N ILE A 246 1.56 -13.64 -12.83
CA ILE A 246 2.26 -12.38 -13.11
C ILE A 246 1.95 -11.87 -14.54
N GLN A 247 2.12 -12.74 -15.54
CA GLN A 247 1.83 -12.40 -16.93
C GLN A 247 0.41 -11.90 -17.16
N LYS A 248 -0.58 -12.61 -16.59
CA LYS A 248 -2.00 -12.22 -16.66
C LYS A 248 -2.23 -10.81 -16.14
N MET A 249 -1.61 -10.51 -15.01
CA MET A 249 -1.84 -9.25 -14.34
C MET A 249 -1.10 -8.10 -15.03
N LEU A 250 0.04 -8.41 -15.65
CA LEU A 250 0.87 -7.37 -16.24
C LEU A 250 0.59 -7.17 -17.73
N GLN A 251 -0.63 -7.40 -18.16
CA GLN A 251 -0.97 -7.18 -19.58
C GLN A 251 -1.17 -5.69 -19.84
N THR A 252 -0.78 -5.25 -21.04
CA THR A 252 -0.86 -3.83 -21.40
C THR A 252 -2.33 -3.38 -21.41
N ASP A 253 -3.17 -4.22 -22.01
CA ASP A 253 -4.62 -4.00 -22.14
C ASP A 253 -5.33 -4.27 -20.82
N PRO A 254 -5.87 -3.20 -20.16
CA PRO A 254 -6.45 -3.37 -18.82
C PRO A 254 -7.61 -4.34 -18.80
N THR A 255 -8.32 -4.45 -19.92
CA THR A 255 -9.48 -5.33 -19.98
C THR A 255 -9.05 -6.80 -20.04
N ALA A 256 -7.75 -7.04 -20.24
CA ALA A 256 -7.24 -8.40 -20.42
C ALA A 256 -6.87 -9.00 -19.09
N ARG A 257 -6.56 -8.13 -18.14
CA ARG A 257 -6.14 -8.51 -16.78
C ARG A 257 -7.29 -9.13 -16.03
N PRO A 258 -7.00 -9.99 -15.04
CA PRO A 258 -8.04 -10.50 -14.14
C PRO A 258 -8.55 -9.36 -13.30
N THR A 259 -9.79 -9.44 -12.86
CA THR A 259 -10.29 -8.44 -11.91
C THR A 259 -9.93 -8.89 -10.52
N ILE A 260 -10.01 -7.98 -9.55
CA ILE A 260 -9.55 -8.30 -8.23
C ILE A 260 -10.22 -9.56 -7.67
N ASN A 261 -11.48 -9.79 -8.03
CA ASN A 261 -12.25 -10.89 -7.46
C ASN A 261 -11.85 -12.27 -8.01
N GLU A 262 -11.04 -12.28 -9.06
CA GLU A 262 -10.66 -13.54 -9.70
C GLU A 262 -9.35 -14.09 -9.16
N LEU A 263 -8.56 -13.21 -8.54
CA LEU A 263 -7.17 -13.49 -8.21
C LEU A 263 -7.00 -14.67 -7.29
N LEU A 264 -7.76 -14.72 -6.20
CA LEU A 264 -7.61 -15.78 -5.20
C LEU A 264 -8.05 -17.15 -5.66
N ASN A 265 -8.81 -17.17 -6.74
CA ASN A 265 -9.20 -18.41 -7.39
C ASN A 265 -8.16 -18.93 -8.37
N ASP A 266 -7.06 -18.18 -8.52
CA ASP A 266 -5.97 -18.60 -9.39
C ASP A 266 -5.28 -19.83 -8.87
N GLU A 267 -4.87 -20.70 -9.78
CA GLU A 267 -4.08 -21.88 -9.45
C GLU A 267 -2.93 -21.54 -8.49
N PHE A 268 -2.33 -20.35 -8.62
CA PHE A 268 -1.25 -19.91 -7.71
C PHE A 268 -1.63 -19.97 -6.24
N PHE A 269 -2.89 -19.66 -5.94
CA PHE A 269 -3.34 -19.71 -4.56
C PHE A 269 -3.94 -21.06 -4.18
N THR A 270 -4.76 -21.62 -5.07
CA THR A 270 -5.60 -22.76 -4.71
C THR A 270 -4.83 -24.09 -4.70
N SER A 271 -3.71 -24.17 -5.41
CA SER A 271 -2.93 -25.40 -5.46
C SER A 271 -1.56 -25.27 -4.78
N GLY A 272 -1.36 -24.25 -3.98
CA GLY A 272 -0.09 -24.11 -3.25
C GLY A 272 -0.35 -23.94 -1.76
N TYR A 273 0.71 -24.10 -0.97
CA TYR A 273 0.63 -23.92 0.47
C TYR A 273 0.56 -22.45 0.87
N ILE A 274 -0.48 -22.09 1.64
CA ILE A 274 -0.59 -20.76 2.19
C ILE A 274 -0.52 -20.86 3.72
N PRO A 275 0.60 -20.42 4.32
CA PRO A 275 0.68 -20.49 5.79
C PRO A 275 -0.47 -19.74 6.46
N ALA A 276 -0.93 -20.25 7.59
CA ALA A 276 -1.98 -19.54 8.36
C ALA A 276 -1.41 -18.28 8.99
N ARG A 277 -0.11 -18.34 9.28
CA ARG A 277 0.64 -17.24 9.91
C ARG A 277 2.13 -17.41 9.61
N LEU A 278 2.89 -16.33 9.75
CA LEU A 278 4.33 -16.37 9.60
C LEU A 278 4.98 -16.14 10.97
N PRO A 279 6.05 -16.86 11.28
CA PRO A 279 6.81 -16.57 12.51
C PRO A 279 7.56 -15.24 12.40
N ILE A 280 7.73 -14.52 13.50
CA ILE A 280 8.46 -13.23 13.47
C ILE A 280 9.82 -13.35 12.80
N THR A 281 10.42 -14.54 12.90
CA THR A 281 11.73 -14.80 12.30
C THR A 281 11.77 -14.54 10.78
N CYS A 282 10.59 -14.58 10.15
N CYS A 282 10.63 -14.60 10.12
CA CYS A 282 10.43 -14.36 8.70
CA CYS A 282 10.61 -14.43 8.66
C CYS A 282 10.79 -12.96 8.24
C CYS A 282 10.94 -12.99 8.24
N LEU A 283 10.97 -12.07 9.20
CA LEU A 283 11.42 -10.70 8.93
C LEU A 283 12.89 -10.70 8.57
N THR A 284 13.62 -11.73 8.98
CA THR A 284 15.07 -11.77 8.75
C THR A 284 15.60 -13.09 8.18
N ILE A 285 14.88 -14.19 8.40
CA ILE A 285 15.37 -15.53 8.05
C ILE A 285 14.34 -16.26 7.20
N PRO A 286 14.76 -16.86 6.07
CA PRO A 286 13.79 -17.57 5.23
C PRO A 286 13.11 -18.72 5.98
N PRO A 287 11.78 -18.82 5.92
CA PRO A 287 11.19 -20.00 6.59
C PRO A 287 11.33 -21.24 5.73
N ARG A 288 11.40 -22.40 6.37
CA ARG A 288 11.44 -23.67 5.65
C ARG A 288 10.07 -24.39 5.73
N PHE A 289 9.21 -23.92 6.62
CA PHE A 289 7.89 -24.52 6.76
C PHE A 289 7.96 -26.02 6.97
N SER A 290 8.82 -26.43 7.90
N SER A 290 8.83 -26.42 7.90
CA SER A 290 8.99 -27.84 8.25
CA SER A 290 8.98 -27.82 8.31
C SER A 290 7.79 -28.35 9.06
C SER A 290 7.72 -28.32 9.00
N ILE A 291 7.46 -29.61 8.85
CA ILE A 291 6.27 -30.24 9.42
C ILE A 291 6.35 -30.43 10.94
N ALA A 292 7.51 -30.79 11.47
CA ALA A 292 7.67 -30.85 12.92
C ALA A 292 9.06 -30.34 13.27
N PRO A 293 9.25 -29.91 14.55
CA PRO A 293 10.60 -29.46 14.97
C PRO A 293 11.48 -30.60 15.51
N SER A 294 12.78 -30.56 15.19
CA SER A 294 13.73 -31.58 15.65
C SER A 294 14.48 -31.13 16.90
ZN ZN B . -2.31 18.46 -9.51
N1 R78 C . 2.74 2.50 11.28
N3 R78 C . 3.54 5.26 8.38
C4 R78 C . 1.71 2.97 10.56
C5 R78 C . 2.45 5.85 7.57
C6 R78 C . 1.12 5.24 7.77
C7 R78 C . 6.28 2.70 11.92
C8 R78 C . 4.96 5.64 8.24
C10 R78 C . 1.90 7.40 9.66
C13 R78 C . 6.59 6.82 6.91
C15 R78 C . 5.59 6.65 9.19
C17 R78 C . 8.31 2.44 13.19
C20 R78 C . 6.98 3.36 10.90
C21 R78 C . 10.48 3.33 12.47
C22 R78 C . 12.50 4.60 12.25
C24 R78 C . 14.62 5.16 11.10
C28 R78 C . 13.98 6.53 13.01
O2 R78 C . 11.05 2.53 13.20
N6 R78 C . 11.09 4.39 11.96
C29 R78 C . 12.57 5.93 12.99
N7 R78 C . 14.63 6.53 11.68
C30 R78 C . 16.04 6.91 11.80
C23 R78 C . 13.16 4.73 10.90
C18 R78 C . 9.01 3.13 12.20
C16 R78 C . 6.94 2.24 13.06
O3 R78 C . 6.20 1.58 14.03
C31 R78 C . 6.70 1.23 15.33
C19 R78 C . 8.36 3.61 11.05
N5 R78 C . 4.94 2.42 11.89
C1 R78 C . 4.00 2.96 11.10
N2 R78 C . 4.27 3.85 10.15
C2 R78 C . 3.26 4.32 9.37
C14 R78 C . 6.73 7.24 8.37
C12 R78 C . 5.29 6.04 6.81
C9 R78 C . 2.24 7.27 8.16
O1 R78 C . 0.19 5.65 7.02
N4 R78 C . 0.89 4.35 8.72
C11 R78 C . -0.45 3.77 8.98
C3 R78 C . 1.96 3.88 9.55
O1 TLA D . -0.90 19.86 -9.79
O11 TLA D . 0.25 19.44 -8.01
C1 TLA D . 0.03 20.13 -9.02
C2 TLA D . 0.91 21.34 -9.32
O2 TLA D . 2.10 21.29 -8.54
C3 TLA D . 0.14 22.62 -9.04
O3 TLA D . -0.32 22.61 -7.66
C4 TLA D . 0.92 23.88 -9.38
O4 TLA D . 1.18 24.71 -8.47
O41 TLA D . 1.29 24.07 -10.56
O1 TLA E . 2.42 21.44 -5.68
O11 TLA E . 3.78 21.07 -4.00
C1 TLA E . 3.05 20.65 -4.93
C2 TLA E . 2.94 19.15 -5.16
O2 TLA E . 2.33 18.83 -6.44
C3 TLA E . 2.15 18.48 -4.02
O3 TLA E . 0.90 19.15 -3.85
C4 TLA E . 1.91 17.00 -4.32
O4 TLA E . 0.78 16.62 -4.68
O41 TLA E . 2.88 16.21 -4.22
O1 SRT F . 6.23 -8.81 -22.52
O11 SRT F . 5.61 -10.75 -23.33
C1 SRT F . 6.26 -10.06 -22.50
C2 SRT F . 7.12 -10.73 -21.46
O2 SRT F . 8.49 -10.62 -21.86
C3 SRT F . 6.78 -12.21 -21.26
O3 SRT F . 5.36 -12.39 -21.21
C4 SRT F . 7.41 -12.74 -20.01
O4 SRT F . 8.62 -13.07 -19.97
O41 SRT F . 6.67 -12.86 -19.00
O1 SRT G . 11.40 -5.56 8.33
O11 SRT G . 12.08 -3.63 9.10
C1 SRT G . 11.49 -4.71 9.23
C2 SRT G . 10.83 -5.04 10.55
O2 SRT G . 9.45 -5.34 10.30
C3 SRT G . 10.91 -3.94 11.60
O3 SRT G . 12.00 -3.05 11.34
C4 SRT G . 11.10 -4.56 12.96
O4 SRT G . 11.26 -5.80 13.07
O41 SRT G . 11.09 -3.81 13.96
O1 TAR H . 10.48 3.64 -4.86
O11 TAR H . 8.56 4.61 -4.25
C1 TAR H . 9.62 3.97 -3.99
C2 TAR H . 9.85 3.56 -2.57
O2 TAR H . 10.42 4.67 -1.85
C3 TAR H . 8.50 3.18 -2.00
O3 TAR H . 8.33 3.55 -0.61
C4 TAR H . 8.24 1.71 -2.25
O4 TAR H . 7.45 1.14 -1.51
O41 TAR H . 8.79 1.10 -3.20
#